data_2FM8
#
_entry.id   2FM8
#
_cell.length_a   146.505
_cell.length_b   146.505
_cell.length_c   156.670
_cell.angle_alpha   90.00
_cell.angle_beta   90.00
_cell.angle_gamma   120.00
#
_symmetry.space_group_name_H-M   'P 64 2 2'
#
loop_
_entity.id
_entity.type
_entity.pdbx_description
1 polymer 'Surface presentation of antigens protein spaK'
2 polymer 'Cell invasion protein sipA'
3 water water
#
loop_
_entity_poly.entity_id
_entity_poly.type
_entity_poly.pdbx_seq_one_letter_code
_entity_poly.pdbx_strand_id
1 'polypeptide(L)'
;MQHLDIAELVRSALEVSGCDPSLIGGIDSHSTIVLDLFALPSICISVKDDDVWIWAQLGADSMVVLQQRAYEILMTIMEG
CHFARGGQLLLGEQNGELTLKALVHPDFLSDGEKFSTALNGFYNYLEVFSRSLMR
;
A,B
2 'polypeptide(L)'
;QATNLAANLSAVRESATATLSGEIKGPQLEDFPALIKQASLDALFKCGKDAEALKEVFTNSNNVAGKKAIMEFAGLFRSA
LNATSDSPEAKTLLMKVGAEYTAQIIKDGLKEKSAFGPWLPETKKAEAKLENLEKQLLDIIKNNTGGELSKLSTNLVMQE
VMPYIASCIEHNFGCTLDPLTRSNLTHLVDKAAAKAVEALDMCHQKLTQEQGTSVGREARHLEMQTLIPLLLRNVFAQIP
;
C
#
# COMPACT_ATOMS: atom_id res chain seq x y z
N MET A 1 -25.33 -19.88 15.88
CA MET A 1 -24.22 -18.85 15.79
C MET A 1 -23.77 -18.42 17.19
N GLN A 2 -24.16 -19.24 18.15
CA GLN A 2 -24.40 -18.80 19.53
C GLN A 2 -24.39 -20.03 20.47
N HIS A 3 -24.80 -21.17 19.92
CA HIS A 3 -24.54 -22.48 20.49
C HIS A 3 -23.32 -23.11 19.77
N LEU A 4 -22.60 -22.33 18.96
CA LEU A 4 -21.59 -22.89 18.03
C LEU A 4 -20.37 -23.44 18.77
N ASP A 5 -20.04 -24.70 18.52
CA ASP A 5 -18.89 -25.30 19.14
C ASP A 5 -17.81 -25.42 18.05
N ILE A 6 -16.84 -24.52 18.09
CA ILE A 6 -15.80 -24.46 17.04
C ILE A 6 -14.88 -25.71 17.02
N ALA A 7 -14.49 -26.19 18.21
CA ALA A 7 -13.72 -27.42 18.30
C ALA A 7 -14.46 -28.56 17.59
N GLU A 8 -15.77 -28.68 17.81
CA GLU A 8 -16.49 -29.80 17.22
C GLU A 8 -16.66 -29.62 15.72
N LEU A 9 -16.81 -28.37 15.29
CA LEU A 9 -16.82 -28.06 13.87
C LEU A 9 -15.49 -28.44 13.19
N VAL A 10 -14.38 -28.04 13.80
CA VAL A 10 -13.04 -28.30 13.27
C VAL A 10 -12.79 -29.83 13.23
N ARG A 11 -13.13 -30.52 14.31
CA ARG A 11 -12.92 -31.96 14.42
C ARG A 11 -13.69 -32.68 13.28
N SER A 12 -14.92 -32.25 13.06
CA SER A 12 -15.75 -32.83 12.05
C SER A 12 -15.26 -32.56 10.64
N ALA A 13 -14.84 -31.32 10.37
CA ALA A 13 -14.27 -30.98 9.06
C ALA A 13 -13.03 -31.77 8.72
N LEU A 14 -12.18 -31.98 9.72
CA LEU A 14 -10.93 -32.70 9.52
C LEU A 14 -11.20 -34.16 9.28
N GLU A 15 -12.26 -34.68 9.91
CA GLU A 15 -12.70 -36.04 9.65
C GLU A 15 -13.20 -36.19 8.23
N VAL A 16 -14.09 -35.28 7.79
CA VAL A 16 -14.53 -35.25 6.38
C VAL A 16 -13.31 -35.23 5.41
N SER A 17 -12.27 -34.48 5.78
CA SER A 17 -11.08 -34.33 4.93
C SER A 17 -10.21 -35.58 4.91
N GLY A 18 -10.45 -36.49 5.86
CA GLY A 18 -9.73 -37.76 5.98
C GLY A 18 -8.49 -37.63 6.84
N CYS A 19 -8.49 -36.69 7.78
CA CYS A 19 -7.33 -36.51 8.67
C CYS A 19 -7.18 -37.67 9.65
N ASP A 20 -5.92 -37.93 10.00
CA ASP A 20 -5.59 -38.83 11.08
C ASP A 20 -6.03 -38.20 12.40
N PRO A 21 -7.13 -38.72 13.01
CA PRO A 21 -7.66 -38.12 14.24
C PRO A 21 -6.68 -38.16 15.46
N SER A 22 -5.65 -39.01 15.40
CA SER A 22 -4.63 -39.04 16.43
C SER A 22 -3.74 -37.77 16.49
N LEU A 23 -3.70 -36.99 15.40
CA LEU A 23 -2.93 -35.72 15.35
C LEU A 23 -3.56 -34.55 16.11
N ILE A 24 -4.85 -34.72 16.42
CA ILE A 24 -5.64 -33.72 17.08
C ILE A 24 -5.43 -33.75 18.61
N GLY A 25 -4.82 -32.69 19.14
CA GLY A 25 -4.58 -32.58 20.57
C GLY A 25 -5.76 -32.03 21.34
N GLY A 26 -5.46 -31.40 22.48
CA GLY A 26 -6.48 -30.76 23.29
C GLY A 26 -6.95 -29.47 22.63
N ILE A 27 -8.18 -29.49 22.13
CA ILE A 27 -8.85 -28.28 21.64
C ILE A 27 -10.23 -28.30 22.29
N ASP A 28 -10.64 -27.15 22.82
CA ASP A 28 -11.83 -27.05 23.70
C ASP A 28 -11.69 -25.97 24.76
N SER A 29 -10.56 -25.26 24.78
CA SER A 29 -10.34 -24.17 25.73
C SER A 29 -10.86 -22.84 25.20
N HIS A 30 -11.47 -22.86 24.01
CA HIS A 30 -11.94 -21.65 23.35
C HIS A 30 -10.83 -20.61 23.21
N SER A 31 -9.62 -21.09 22.93
CA SER A 31 -8.55 -20.24 22.39
C SER A 31 -8.48 -20.53 20.89
N THR A 32 -7.50 -19.95 20.25
CA THR A 32 -7.23 -20.25 18.87
C THR A 32 -6.80 -21.69 18.68
N ILE A 33 -7.45 -22.35 17.72
CA ILE A 33 -7.05 -23.68 17.24
C ILE A 33 -6.02 -23.48 16.14
N VAL A 34 -4.94 -24.26 16.18
CA VAL A 34 -3.84 -24.14 15.26
C VAL A 34 -3.63 -25.48 14.54
N LEU A 35 -3.63 -25.43 13.21
CA LEU A 35 -3.23 -26.58 12.36
C LEU A 35 -1.81 -26.37 11.84
N ASP A 36 -0.86 -27.13 12.36
CA ASP A 36 0.51 -27.11 11.86
C ASP A 36 0.56 -27.98 10.61
N LEU A 37 1.39 -27.57 9.65
CA LEU A 37 1.46 -28.15 8.33
C LEU A 37 2.89 -28.41 7.88
N PHE A 38 3.00 -29.39 6.99
CA PHE A 38 4.26 -29.94 6.50
C PHE A 38 5.26 -28.87 5.97
N ALA A 39 4.85 -28.02 5.06
CA ALA A 39 5.81 -27.03 4.50
C ALA A 39 5.21 -25.66 4.36
N LEU A 40 4.12 -25.39 5.09
CA LEU A 40 3.37 -24.17 4.98
C LEU A 40 3.17 -23.53 6.34
N PRO A 41 2.89 -22.22 6.35
CA PRO A 41 2.53 -21.59 7.59
C PRO A 41 1.33 -22.30 8.24
N SER A 42 1.31 -22.32 9.57
CA SER A 42 0.17 -22.83 10.31
C SER A 42 -1.13 -22.03 10.06
N ILE A 43 -2.25 -22.77 10.04
CA ILE A 43 -3.58 -22.21 9.93
C ILE A 43 -4.20 -22.07 11.34
N CYS A 44 -4.66 -20.85 11.64
CA CYS A 44 -5.33 -20.54 12.89
C CYS A 44 -6.82 -20.38 12.64
N ILE A 45 -7.59 -20.91 13.58
CA ILE A 45 -9.03 -20.78 13.57
C ILE A 45 -9.49 -20.17 14.88
N SER A 46 -10.26 -19.10 14.79
CA SER A 46 -10.78 -18.49 15.99
C SER A 46 -12.14 -17.84 15.87
N VAL A 47 -12.86 -17.83 17.00
CA VAL A 47 -14.12 -17.12 17.15
C VAL A 47 -13.89 -15.80 17.88
N LYS A 48 -14.34 -14.73 17.25
CA LYS A 48 -14.09 -13.42 17.76
C LYS A 48 -15.44 -12.74 17.72
N ASP A 49 -16.05 -12.61 18.90
CA ASP A 49 -17.40 -12.08 19.08
C ASP A 49 -18.35 -12.46 17.93
N ASP A 50 -18.65 -13.76 17.92
CA ASP A 50 -19.57 -14.38 16.96
C ASP A 50 -19.14 -14.33 15.48
N ASP A 51 -17.89 -13.98 15.20
CA ASP A 51 -17.30 -14.12 13.87
C ASP A 51 -16.30 -15.27 13.91
N VAL A 52 -16.38 -16.17 12.94
CA VAL A 52 -15.34 -17.18 12.79
C VAL A 52 -14.29 -16.73 11.76
N TRP A 53 -13.04 -16.67 12.21
CA TRP A 53 -11.92 -16.33 11.37
C TRP A 53 -10.96 -17.50 11.14
N ILE A 54 -10.52 -17.65 9.89
CA ILE A 54 -9.40 -18.54 9.55
C ILE A 54 -8.29 -17.64 9.07
N TRP A 55 -7.07 -17.82 9.58
CA TRP A 55 -5.98 -16.98 9.11
C TRP A 55 -4.63 -17.66 9.23
N ALA A 56 -3.65 -17.05 8.59
CA ALA A 56 -2.27 -17.52 8.61
C ALA A 56 -1.34 -16.33 8.42
N GLN A 57 -0.28 -16.27 9.21
CA GLN A 57 0.87 -15.41 8.89
C GLN A 57 1.68 -15.99 7.75
N LEU A 58 2.18 -15.12 6.87
CA LEU A 58 2.74 -15.59 5.63
C LEU A 58 4.27 -15.62 5.59
N GLY A 59 4.95 -15.38 6.70
CA GLY A 59 6.41 -15.54 6.72
C GLY A 59 7.17 -14.28 7.10
N ALA A 60 8.36 -14.49 7.67
CA ALA A 60 9.20 -13.41 8.22
C ALA A 60 9.52 -12.31 7.21
N ASP A 61 9.67 -12.67 5.94
CA ASP A 61 9.99 -11.67 4.90
C ASP A 61 8.82 -11.25 4.01
N SER A 62 7.60 -11.66 4.36
CA SER A 62 6.43 -11.42 3.51
C SER A 62 6.18 -9.94 3.24
N MET A 63 6.37 -9.06 4.23
CA MET A 63 6.07 -7.63 4.02
C MET A 63 7.05 -7.00 3.03
N VAL A 64 8.32 -7.40 3.11
CA VAL A 64 9.33 -6.97 2.16
C VAL A 64 9.06 -7.51 0.75
N VAL A 65 8.77 -8.80 0.63
CA VAL A 65 8.52 -9.36 -0.69
C VAL A 65 7.29 -8.71 -1.30
N LEU A 66 6.31 -8.37 -0.44
CA LEU A 66 5.11 -7.66 -0.89
C LEU A 66 5.43 -6.36 -1.69
N GLN A 67 6.53 -5.70 -1.37
CA GLN A 67 6.96 -4.50 -2.10
C GLN A 67 7.14 -4.74 -3.61
N GLN A 68 7.47 -5.96 -3.99
CA GLN A 68 7.68 -6.31 -5.39
C GLN A 68 6.52 -7.09 -5.97
N ARG A 69 5.67 -7.68 -5.12
CA ARG A 69 4.63 -8.62 -5.59
C ARG A 69 3.20 -8.20 -5.32
N ALA A 70 3.01 -6.92 -4.99
CA ALA A 70 1.69 -6.44 -4.62
C ALA A 70 0.64 -6.59 -5.71
N TYR A 71 1.02 -6.41 -6.97
CA TYR A 71 0.05 -6.58 -8.07
C TYR A 71 -0.47 -8.00 -8.21
N GLU A 72 0.46 -8.96 -8.20
CA GLU A 72 0.10 -10.37 -8.24
C GLU A 72 -0.78 -10.75 -7.04
N ILE A 73 -0.49 -10.17 -5.89
CA ILE A 73 -1.26 -10.46 -4.69
C ILE A 73 -2.66 -9.89 -4.83
N LEU A 74 -2.76 -8.64 -5.30
CA LEU A 74 -4.07 -8.03 -5.53
C LEU A 74 -4.94 -8.80 -6.56
N MET A 75 -4.34 -9.24 -7.68
CA MET A 75 -5.07 -10.05 -8.65
C MET A 75 -5.62 -11.30 -8.02
N THR A 76 -4.77 -11.96 -7.22
CA THR A 76 -5.20 -13.13 -6.49
C THR A 76 -6.40 -12.83 -5.55
N ILE A 77 -6.29 -11.79 -4.75
CA ILE A 77 -7.40 -11.33 -3.90
C ILE A 77 -8.69 -11.10 -4.74
N MET A 78 -8.53 -10.39 -5.84
CA MET A 78 -9.69 -10.01 -6.66
C MET A 78 -10.39 -11.17 -7.35
N GLU A 79 -9.70 -12.33 -7.46
CA GLU A 79 -10.32 -13.50 -8.02
C GLU A 79 -11.43 -14.07 -7.10
N GLY A 80 -11.40 -13.71 -5.82
CA GLY A 80 -12.52 -13.98 -4.93
C GLY A 80 -12.40 -15.27 -4.16
N CYS A 81 -13.30 -15.43 -3.20
CA CYS A 81 -13.27 -16.53 -2.26
C CYS A 81 -14.71 -16.81 -1.85
N HIS A 82 -15.22 -17.95 -2.29
CA HIS A 82 -16.63 -18.28 -2.15
C HIS A 82 -17.09 -18.52 -0.70
N PHE A 83 -16.17 -18.76 0.23
CA PHE A 83 -16.55 -19.08 1.63
C PHE A 83 -16.35 -17.91 2.62
N ALA A 84 -15.89 -16.78 2.10
CA ALA A 84 -15.64 -15.60 2.90
C ALA A 84 -16.82 -14.62 2.77
N ARG A 85 -17.09 -13.94 3.88
CA ARG A 85 -18.01 -12.81 3.86
C ARG A 85 -17.45 -11.79 2.91
N GLY A 86 -18.29 -11.23 2.05
CA GLY A 86 -17.83 -10.26 1.07
C GLY A 86 -17.23 -10.88 -0.17
N GLY A 87 -17.09 -12.21 -0.20
CA GLY A 87 -16.56 -12.90 -1.37
C GLY A 87 -15.07 -12.71 -1.60
N GLN A 88 -14.35 -12.33 -0.54
CA GLN A 88 -12.97 -11.98 -0.66
C GLN A 88 -12.15 -12.21 0.61
N LEU A 89 -10.98 -12.82 0.45
CA LEU A 89 -9.97 -12.89 1.52
C LEU A 89 -9.45 -11.49 1.83
N LEU A 90 -8.96 -11.31 3.05
CA LEU A 90 -8.45 -10.03 3.56
C LEU A 90 -6.98 -10.21 3.91
N LEU A 91 -6.25 -9.11 3.88
CA LEU A 91 -4.86 -9.10 4.29
C LEU A 91 -4.68 -8.19 5.49
N GLY A 92 -3.99 -8.67 6.49
CA GLY A 92 -3.54 -7.83 7.59
C GLY A 92 -2.06 -8.08 7.86
N GLU A 93 -1.64 -7.72 9.06
CA GLU A 93 -0.26 -7.84 9.46
C GLU A 93 -0.17 -8.19 10.96
N GLN A 94 0.54 -9.27 11.29
CA GLN A 94 0.68 -9.71 12.65
C GLN A 94 2.12 -10.09 12.86
N ASN A 95 2.67 -9.66 13.99
CA ASN A 95 4.06 -9.88 14.33
C ASN A 95 5.03 -9.54 13.21
N GLY A 96 4.79 -8.41 12.54
CA GLY A 96 5.63 -7.96 11.41
C GLY A 96 5.51 -8.81 10.15
N GLU A 97 4.45 -9.62 10.07
CA GLU A 97 4.26 -10.53 8.94
C GLU A 97 2.92 -10.28 8.29
N LEU A 98 2.87 -10.35 6.96
CA LEU A 98 1.62 -10.28 6.26
C LEU A 98 0.71 -11.46 6.66
N THR A 99 -0.58 -11.17 6.85
CA THR A 99 -1.55 -12.17 7.27
C THR A 99 -2.66 -12.34 6.24
N LEU A 100 -2.97 -13.59 5.91
CA LEU A 100 -4.10 -13.91 5.05
C LEU A 100 -5.26 -14.31 5.95
N LYS A 101 -6.44 -13.75 5.71
CA LYS A 101 -7.55 -13.91 6.66
C LYS A 101 -8.84 -14.15 5.90
N ALA A 102 -9.65 -15.05 6.40
CA ALA A 102 -11.00 -15.29 5.92
C ALA A 102 -12.00 -15.08 7.06
N LEU A 103 -12.89 -14.12 6.91
CA LEU A 103 -14.03 -13.99 7.77
C LEU A 103 -15.04 -14.93 7.18
N VAL A 104 -15.23 -16.07 7.80
CA VAL A 104 -16.03 -17.14 7.20
C VAL A 104 -17.53 -16.81 7.16
N HIS A 105 -18.14 -17.02 5.99
CA HIS A 105 -19.55 -16.80 5.84
C HIS A 105 -20.30 -17.88 6.64
N PRO A 106 -21.37 -17.53 7.38
CA PRO A 106 -22.14 -18.54 8.14
C PRO A 106 -22.69 -19.74 7.34
N ASP A 107 -22.96 -19.57 6.05
CA ASP A 107 -23.29 -20.70 5.16
C ASP A 107 -22.28 -21.82 5.24
N PHE A 108 -21.03 -21.49 5.58
CA PHE A 108 -19.99 -22.52 5.70
C PHE A 108 -19.73 -22.97 7.12
N LEU A 109 -20.66 -22.67 8.01
CA LEU A 109 -20.52 -23.01 9.42
C LEU A 109 -21.59 -23.99 9.89
N SER A 110 -22.44 -24.48 8.98
CA SER A 110 -23.63 -25.27 9.31
C SER A 110 -23.33 -26.72 9.67
N ASP A 111 -22.28 -27.28 9.08
CA ASP A 111 -21.88 -28.65 9.34
C ASP A 111 -20.41 -28.81 8.95
N GLY A 112 -19.87 -29.99 9.24
CA GLY A 112 -18.48 -30.30 8.99
C GLY A 112 -18.11 -30.38 7.52
N GLU A 113 -19.03 -30.82 6.67
CA GLU A 113 -18.76 -30.88 5.25
C GLU A 113 -18.56 -29.47 4.67
N LYS A 114 -19.45 -28.56 5.07
CA LYS A 114 -19.38 -27.17 4.68
C LYS A 114 -18.10 -26.49 5.26
N PHE A 115 -17.80 -26.73 6.54
CA PHE A 115 -16.62 -26.10 7.11
C PHE A 115 -15.33 -26.68 6.49
N SER A 116 -15.35 -27.96 6.14
CA SER A 116 -14.25 -28.61 5.43
C SER A 116 -13.98 -27.95 4.09
N THR A 117 -15.03 -27.55 3.39
CA THR A 117 -14.87 -26.81 2.14
C THR A 117 -14.11 -25.50 2.37
N ALA A 118 -14.47 -24.78 3.43
CA ALA A 118 -13.79 -23.56 3.79
C ALA A 118 -12.33 -23.82 4.18
N LEU A 119 -12.07 -24.84 5.01
CA LEU A 119 -10.69 -25.10 5.44
C LEU A 119 -9.76 -25.55 4.31
N ASN A 120 -10.26 -26.42 3.44
CA ASN A 120 -9.47 -26.92 2.33
C ASN A 120 -9.26 -25.83 1.29
N GLY A 121 -10.28 -24.99 1.10
CA GLY A 121 -10.19 -23.85 0.23
C GLY A 121 -9.14 -22.87 0.74
N PHE A 122 -9.17 -22.59 2.04
CA PHE A 122 -8.15 -21.76 2.66
C PHE A 122 -6.77 -22.35 2.48
N TYR A 123 -6.62 -23.65 2.70
CA TYR A 123 -5.35 -24.32 2.41
C TYR A 123 -4.83 -24.03 0.99
N ASN A 124 -5.71 -24.20 -0.01
CA ASN A 124 -5.34 -23.93 -1.38
C ASN A 124 -4.81 -22.48 -1.54
N TYR A 125 -5.53 -21.52 -1.00
CA TYR A 125 -5.08 -20.12 -1.10
C TYR A 125 -3.83 -19.86 -0.31
N LEU A 126 -3.70 -20.49 0.84
CA LEU A 126 -2.46 -20.37 1.59
C LEU A 126 -1.24 -20.79 0.75
N GLU A 127 -1.34 -21.92 0.03
CA GLU A 127 -0.28 -22.34 -0.86
C GLU A 127 0.06 -21.28 -1.89
N VAL A 128 -0.98 -20.77 -2.52
CA VAL A 128 -0.81 -19.80 -3.58
C VAL A 128 -0.25 -18.47 -3.09
N PHE A 129 -0.83 -17.92 -2.03
CA PHE A 129 -0.33 -16.64 -1.50
C PHE A 129 1.10 -16.79 -0.96
N SER A 130 1.37 -17.86 -0.21
CA SER A 130 2.72 -18.02 0.35
C SER A 130 3.78 -18.16 -0.77
N ARG A 131 3.47 -18.87 -1.83
CA ARG A 131 4.36 -18.99 -2.99
C ARG A 131 4.51 -17.68 -3.75
N SER A 132 3.44 -16.92 -3.88
CA SER A 132 3.58 -15.60 -4.50
C SER A 132 4.50 -14.66 -3.69
N LEU A 133 4.65 -14.92 -2.39
CA LEU A 133 5.50 -14.09 -1.52
C LEU A 133 6.85 -14.69 -1.22
N MET A 134 7.24 -15.68 -2.00
CA MET A 134 8.51 -16.33 -1.81
C MET A 134 9.56 -15.41 -2.43
N MET B 1 -33.34 -7.51 9.50
CA MET B 1 -32.55 -7.67 8.22
C MET B 1 -33.37 -8.15 7.00
N GLN B 2 -34.51 -8.81 7.23
CA GLN B 2 -35.53 -8.99 6.19
C GLN B 2 -36.73 -8.08 6.49
N HIS B 3 -36.69 -7.40 7.64
CA HIS B 3 -37.50 -6.21 7.92
C HIS B 3 -36.77 -4.97 7.37
N LEU B 4 -35.46 -5.09 7.08
CA LEU B 4 -34.65 -3.94 6.63
C LEU B 4 -35.05 -3.41 5.25
N ASP B 5 -35.39 -2.12 5.19
CA ASP B 5 -35.68 -1.45 3.94
C ASP B 5 -34.53 -0.49 3.65
N ILE B 6 -33.74 -0.79 2.63
CA ILE B 6 -32.55 0.02 2.30
C ILE B 6 -32.97 1.40 1.78
N ALA B 7 -34.06 1.46 1.02
CA ALA B 7 -34.57 2.73 0.53
C ALA B 7 -34.87 3.68 1.69
N GLU B 8 -35.53 3.18 2.74
CA GLU B 8 -35.82 4.02 3.92
C GLU B 8 -34.59 4.37 4.75
N LEU B 9 -33.62 3.47 4.81
CA LEU B 9 -32.42 3.71 5.60
C LEU B 9 -31.60 4.85 4.97
N VAL B 10 -31.56 4.87 3.64
CA VAL B 10 -30.91 5.92 2.87
C VAL B 10 -31.67 7.25 3.02
N ARG B 11 -33.00 7.19 2.92
CA ARG B 11 -33.81 8.39 3.15
C ARG B 11 -33.52 8.96 4.54
N SER B 12 -33.57 8.09 5.53
CA SER B 12 -33.27 8.48 6.90
C SER B 12 -31.89 9.10 7.03
N ALA B 13 -30.89 8.48 6.42
CA ALA B 13 -29.52 8.95 6.53
C ALA B 13 -29.36 10.35 5.93
N LEU B 14 -30.04 10.57 4.81
CA LEU B 14 -30.10 11.90 4.20
C LEU B 14 -30.81 12.93 5.09
N GLU B 15 -31.98 12.57 5.60
CA GLU B 15 -32.78 13.47 6.45
C GLU B 15 -31.94 13.97 7.63
N VAL B 16 -31.28 13.04 8.29
CA VAL B 16 -30.57 13.33 9.51
C VAL B 16 -29.26 14.09 9.23
N SER B 17 -28.87 14.18 7.96
CA SER B 17 -27.72 14.99 7.53
C SER B 17 -28.14 16.38 7.05
N GLY B 18 -29.44 16.67 7.16
CA GLY B 18 -29.98 17.96 6.72
C GLY B 18 -30.26 18.01 5.23
N CYS B 19 -30.39 16.85 4.60
CA CYS B 19 -30.64 16.77 3.17
C CYS B 19 -32.12 16.54 2.91
N ASP B 20 -32.47 16.53 1.62
CA ASP B 20 -33.77 16.09 1.13
C ASP B 20 -33.78 14.56 0.95
N SER B 31 -33.89 -2.69 -6.52
CA SER B 31 -32.83 -2.27 -7.44
C SER B 31 -31.71 -1.50 -6.69
N THR B 32 -30.45 -1.73 -7.08
CA THR B 32 -29.35 -0.89 -6.62
C THR B 32 -29.82 0.56 -6.58
N ILE B 33 -29.52 1.25 -5.50
CA ILE B 33 -29.72 2.70 -5.41
C ILE B 33 -28.46 3.41 -5.85
N VAL B 34 -28.60 4.28 -6.84
CA VAL B 34 -27.57 5.21 -7.27
C VAL B 34 -27.76 6.57 -6.60
N LEU B 35 -26.86 6.87 -5.68
CA LEU B 35 -26.92 8.14 -4.96
C LEU B 35 -25.97 9.14 -5.64
N ASP B 36 -26.55 10.10 -6.38
CA ASP B 36 -25.75 11.14 -7.02
C ASP B 36 -26.16 12.51 -6.48
N LEU B 37 -25.38 13.00 -5.53
CA LEU B 37 -25.68 14.23 -4.83
C LEU B 37 -24.74 15.31 -5.32
N PHE B 38 -25.12 16.55 -5.03
CA PHE B 38 -24.35 17.75 -5.38
C PHE B 38 -22.96 17.71 -4.76
N ALA B 39 -21.93 17.98 -5.57
CA ALA B 39 -20.55 18.02 -5.12
C ALA B 39 -20.03 16.71 -4.50
N LEU B 40 -20.69 15.60 -4.79
CA LEU B 40 -20.24 14.27 -4.35
C LEU B 40 -20.21 13.38 -5.57
N PRO B 41 -19.28 12.42 -5.63
CA PRO B 41 -19.27 11.48 -6.72
C PRO B 41 -20.47 10.55 -6.60
N SER B 42 -20.88 9.95 -7.71
CA SER B 42 -21.95 8.97 -7.66
C SER B 42 -21.49 7.70 -6.96
N ILE B 43 -22.31 7.18 -6.06
CA ILE B 43 -22.06 5.90 -5.40
C ILE B 43 -23.29 5.02 -5.49
N CYS B 44 -23.08 3.73 -5.28
CA CYS B 44 -24.14 2.73 -5.37
C CYS B 44 -24.32 2.06 -4.02
N ILE B 45 -25.59 1.82 -3.69
CA ILE B 45 -25.98 1.10 -2.49
C ILE B 45 -26.92 -0.01 -2.90
N SER B 46 -26.57 -1.23 -2.52
CA SER B 46 -27.40 -2.36 -2.84
C SER B 46 -27.46 -3.38 -1.72
N VAL B 47 -28.57 -4.10 -1.70
CA VAL B 47 -28.76 -5.23 -0.82
C VAL B 47 -28.59 -6.46 -1.67
N LYS B 48 -27.74 -7.38 -1.22
CA LYS B 48 -27.61 -8.65 -1.88
C LYS B 48 -27.49 -9.75 -0.84
N ASP B 49 -28.45 -10.67 -0.82
CA ASP B 49 -28.46 -11.83 0.09
C ASP B 49 -28.31 -11.41 1.55
N ASP B 50 -29.03 -10.39 1.97
CA ASP B 50 -28.92 -9.90 3.35
C ASP B 50 -27.69 -9.02 3.62
N ASP B 51 -26.81 -8.88 2.62
CA ASP B 51 -25.65 -7.99 2.73
C ASP B 51 -25.94 -6.60 2.14
N VAL B 52 -25.51 -5.55 2.85
CA VAL B 52 -25.58 -4.18 2.33
C VAL B 52 -24.18 -3.73 1.90
N TRP B 53 -24.11 -3.33 0.66
CA TRP B 53 -22.91 -2.86 0.02
C TRP B 53 -23.05 -1.38 -0.31
N ILE B 54 -21.95 -0.67 -0.12
CA ILE B 54 -21.71 0.63 -0.72
C ILE B 54 -20.48 0.50 -1.61
N TRP B 55 -20.57 1.02 -2.81
CA TRP B 55 -19.43 0.96 -3.73
C TRP B 55 -19.47 2.02 -4.79
N ALA B 56 -18.36 2.15 -5.48
CA ALA B 56 -18.23 3.12 -6.56
C ALA B 56 -17.11 2.67 -7.50
N GLN B 57 -17.26 3.03 -8.78
CA GLN B 57 -16.21 2.84 -9.79
C GLN B 57 -15.20 3.94 -9.66
N LEU B 58 -13.95 3.68 -10.05
CA LEU B 58 -12.85 4.60 -9.80
C LEU B 58 -12.26 5.21 -11.09
N GLY B 59 -12.87 4.94 -12.23
CA GLY B 59 -12.51 5.68 -13.45
C GLY B 59 -12.04 4.81 -14.60
N ALA B 60 -12.08 5.40 -15.79
CA ALA B 60 -11.80 4.69 -17.05
C ALA B 60 -10.51 3.88 -17.04
N ASP B 61 -9.44 4.43 -16.44
CA ASP B 61 -8.15 3.74 -16.46
C ASP B 61 -7.66 3.27 -15.12
N SER B 62 -8.59 3.10 -14.17
CA SER B 62 -8.24 2.70 -12.81
C SER B 62 -7.63 1.31 -12.76
N MET B 63 -8.03 0.43 -13.69
CA MET B 63 -7.41 -0.91 -13.76
C MET B 63 -5.96 -0.83 -14.24
N VAL B 64 -5.59 0.22 -14.99
CA VAL B 64 -4.20 0.37 -15.41
C VAL B 64 -3.37 0.93 -14.24
N VAL B 65 -3.90 1.92 -13.55
CA VAL B 65 -3.15 2.58 -12.47
C VAL B 65 -3.00 1.64 -11.28
N LEU B 66 -3.98 0.76 -11.09
CA LEU B 66 -3.90 -0.29 -10.11
C LEU B 66 -2.63 -1.12 -10.25
N GLN B 67 -2.33 -1.59 -11.45
CA GLN B 67 -1.10 -2.32 -11.71
C GLN B 67 0.13 -1.48 -11.36
N GLN B 68 0.12 -0.21 -11.77
CA GLN B 68 1.25 0.68 -11.55
C GLN B 68 1.48 0.99 -10.09
N ARG B 69 0.42 1.07 -9.29
CA ARG B 69 0.47 1.53 -7.90
C ARG B 69 -0.12 0.54 -6.92
N ALA B 70 -0.04 -0.73 -7.27
CA ALA B 70 -0.62 -1.81 -6.46
C ALA B 70 -0.17 -1.76 -4.99
N TYR B 71 1.12 -1.60 -4.73
CA TYR B 71 1.66 -1.64 -3.38
C TYR B 71 1.05 -0.54 -2.55
N GLU B 72 1.15 0.67 -3.09
CA GLU B 72 0.64 1.86 -2.43
C GLU B 72 -0.85 1.70 -2.13
N ILE B 73 -1.60 1.18 -3.10
CA ILE B 73 -3.03 1.00 -2.95
C ILE B 73 -3.32 -0.09 -1.90
N LEU B 74 -2.59 -1.18 -1.97
CA LEU B 74 -2.74 -2.23 -0.95
C LEU B 74 -2.43 -1.75 0.47
N MET B 75 -1.37 -0.94 0.63
CA MET B 75 -1.04 -0.39 1.97
C MET B 75 -2.20 0.46 2.57
N THR B 76 -2.89 1.20 1.70
CA THR B 76 -4.02 2.01 2.15
C THR B 76 -5.17 1.14 2.57
N ILE B 77 -5.45 0.10 1.78
CA ILE B 77 -6.47 -0.90 2.14
C ILE B 77 -6.16 -1.52 3.50
N MET B 78 -4.89 -1.85 3.74
CA MET B 78 -4.50 -2.46 5.01
C MET B 78 -4.61 -1.53 6.22
N GLU B 79 -4.79 -0.22 6.05
CA GLU B 79 -5.03 0.70 7.17
C GLU B 79 -6.42 0.55 7.72
N GLY B 80 -7.30 -0.11 6.97
CA GLY B 80 -8.59 -0.54 7.51
C GLY B 80 -9.71 0.47 7.30
N CYS B 81 -10.91 0.08 7.70
CA CYS B 81 -12.10 0.88 7.55
C CYS B 81 -13.08 0.42 8.63
N HIS B 82 -13.36 1.29 9.60
CA HIS B 82 -14.08 0.90 10.83
C HIS B 82 -15.51 0.44 10.55
N PHE B 83 -16.16 0.91 9.49
CA PHE B 83 -17.57 0.57 9.26
C PHE B 83 -17.81 -0.66 8.36
N ALA B 84 -16.74 -1.27 7.84
CA ALA B 84 -16.84 -2.44 7.00
C ALA B 84 -16.79 -3.76 7.81
N ARG B 85 -17.54 -4.76 7.36
CA ARG B 85 -17.33 -6.15 7.84
C ARG B 85 -15.89 -6.53 7.61
N GLY B 86 -15.27 -7.11 8.61
CA GLY B 86 -13.90 -7.49 8.48
C GLY B 86 -12.92 -6.38 8.73
N GLY B 87 -13.38 -5.16 8.91
CA GLY B 87 -12.50 -4.01 9.19
C GLY B 87 -11.76 -3.49 7.95
N GLN B 88 -12.22 -3.86 6.75
CA GLN B 88 -11.47 -3.58 5.54
C GLN B 88 -12.35 -3.31 4.30
N LEU B 89 -12.01 -2.27 3.53
CA LEU B 89 -12.62 -2.09 2.21
C LEU B 89 -12.10 -3.15 1.22
N LEU B 90 -12.91 -3.44 0.21
CA LEU B 90 -12.59 -4.42 -0.84
C LEU B 90 -12.45 -3.72 -2.19
N LEU B 91 -11.63 -4.30 -3.05
CA LEU B 91 -11.50 -3.92 -4.45
C LEU B 91 -12.20 -4.90 -5.35
N GLY B 92 -12.94 -4.37 -6.30
CA GLY B 92 -13.63 -5.19 -7.29
C GLY B 92 -13.43 -4.62 -8.68
N GLU B 93 -14.24 -5.08 -9.61
CA GLU B 93 -14.19 -4.58 -10.98
C GLU B 93 -15.58 -4.55 -11.61
N GLN B 94 -15.96 -3.43 -12.19
CA GLN B 94 -17.24 -3.33 -12.86
C GLN B 94 -17.09 -2.45 -14.11
N ASN B 95 -17.64 -2.91 -15.24
CA ASN B 95 -17.57 -2.22 -16.53
C ASN B 95 -16.13 -1.84 -16.95
N GLY B 96 -15.16 -2.69 -16.58
CA GLY B 96 -13.76 -2.46 -16.89
C GLY B 96 -13.06 -1.48 -15.98
N GLU B 97 -13.75 -1.01 -14.93
CA GLU B 97 -13.17 -0.08 -14.00
C GLU B 97 -12.98 -0.74 -12.63
N LEU B 98 -11.93 -0.34 -11.92
CA LEU B 98 -11.75 -0.74 -10.54
C LEU B 98 -12.91 -0.20 -9.68
N THR B 99 -13.39 -1.00 -8.74
CA THR B 99 -14.36 -0.49 -7.77
C THR B 99 -13.80 -0.56 -6.35
N LEU B 100 -14.21 0.39 -5.51
CA LEU B 100 -13.99 0.36 -4.06
C LEU B 100 -15.33 -0.04 -3.42
N LYS B 101 -15.32 -1.05 -2.58
CA LYS B 101 -16.55 -1.63 -2.03
C LYS B 101 -16.45 -1.77 -0.52
N ALA B 102 -17.56 -1.45 0.15
CA ALA B 102 -17.71 -1.69 1.57
C ALA B 102 -18.88 -2.61 1.78
N LEU B 103 -18.63 -3.76 2.40
CA LEU B 103 -19.69 -4.59 2.97
C LEU B 103 -19.96 -3.99 4.34
N VAL B 104 -21.11 -3.35 4.47
CA VAL B 104 -21.42 -2.57 5.67
C VAL B 104 -21.70 -3.48 6.86
N HIS B 105 -20.94 -3.23 7.93
CA HIS B 105 -21.17 -3.93 9.19
C HIS B 105 -22.57 -3.60 9.76
N PRO B 106 -23.28 -4.63 10.27
CA PRO B 106 -24.64 -4.42 10.78
C PRO B 106 -24.78 -3.36 11.88
N ASP B 107 -23.74 -3.10 12.65
CA ASP B 107 -23.72 -1.98 13.59
C ASP B 107 -23.99 -0.64 12.94
N PHE B 108 -23.76 -0.52 11.65
CA PHE B 108 -24.03 0.72 10.95
C PHE B 108 -25.30 0.69 10.12
N LEU B 109 -26.15 -0.31 10.37
CA LEU B 109 -27.41 -0.43 9.64
C LEU B 109 -28.63 -0.25 10.56
N SER B 110 -28.41 0.09 11.83
CA SER B 110 -29.47 0.10 12.81
C SER B 110 -30.40 1.27 12.63
N ASP B 111 -29.89 2.37 12.08
CA ASP B 111 -30.67 3.59 11.93
C ASP B 111 -29.96 4.57 11.00
N GLY B 112 -30.64 5.68 10.72
CA GLY B 112 -30.14 6.72 9.85
C GLY B 112 -28.90 7.45 10.31
N GLU B 113 -28.76 7.64 11.62
CA GLU B 113 -27.57 8.33 12.14
C GLU B 113 -26.35 7.47 11.85
N LYS B 114 -26.43 6.20 12.27
CA LYS B 114 -25.38 5.22 12.02
C LYS B 114 -25.07 5.06 10.53
N PHE B 115 -26.11 4.94 9.69
CA PHE B 115 -25.87 4.72 8.27
C PHE B 115 -25.22 5.94 7.59
N SER B 116 -25.59 7.14 8.03
CA SER B 116 -25.00 8.38 7.52
C SER B 116 -23.49 8.41 7.81
N THR B 117 -23.10 7.83 8.95
CA THR B 117 -21.70 7.72 9.31
C THR B 117 -20.93 6.76 8.40
N ALA B 118 -21.56 5.63 8.03
CA ALA B 118 -21.02 4.75 6.99
C ALA B 118 -20.91 5.46 5.65
N LEU B 119 -21.95 6.17 5.24
CA LEU B 119 -21.94 6.91 3.96
C LEU B 119 -20.87 7.98 4.00
N ASN B 120 -20.89 8.84 5.01
CA ASN B 120 -19.84 9.83 5.16
C ASN B 120 -18.44 9.21 5.10
N GLY B 121 -18.28 8.11 5.83
CA GLY B 121 -17.00 7.42 5.85
C GLY B 121 -16.60 6.90 4.48
N PHE B 122 -17.56 6.34 3.75
CA PHE B 122 -17.31 5.85 2.41
C PHE B 122 -16.83 6.98 1.50
N TYR B 123 -17.51 8.14 1.51
CA TYR B 123 -17.11 9.27 0.65
C TYR B 123 -15.68 9.73 0.96
N ASN B 124 -15.34 9.70 2.25
CA ASN B 124 -14.02 10.09 2.69
C ASN B 124 -12.93 9.14 2.16
N TYR B 125 -13.12 7.85 2.35
CA TYR B 125 -12.24 6.82 1.76
C TYR B 125 -12.21 6.84 0.24
N LEU B 126 -13.35 7.07 -0.39
CA LEU B 126 -13.35 7.18 -1.85
C LEU B 126 -12.47 8.33 -2.31
N GLU B 127 -12.50 9.48 -1.62
CA GLU B 127 -11.62 10.57 -2.00
C GLU B 127 -10.15 10.16 -1.88
N VAL B 128 -9.79 9.47 -0.79
CA VAL B 128 -8.44 8.97 -0.60
C VAL B 128 -7.98 8.06 -1.76
N PHE B 129 -8.84 7.12 -2.13
CA PHE B 129 -8.51 6.21 -3.23
C PHE B 129 -8.50 6.88 -4.58
N SER B 130 -9.38 7.87 -4.81
CA SER B 130 -9.33 8.63 -6.05
C SER B 130 -7.98 9.32 -6.23
N ARG B 131 -7.47 9.92 -5.17
CA ARG B 131 -6.21 10.58 -5.25
C ARG B 131 -5.11 9.59 -5.55
N SER B 132 -5.21 8.38 -4.99
CA SER B 132 -4.25 7.34 -5.24
C SER B 132 -4.21 6.83 -6.65
N LEU B 133 -5.28 7.07 -7.39
CA LEU B 133 -5.46 6.51 -8.72
C LEU B 133 -5.36 7.53 -9.84
N MET B 134 -5.12 8.80 -9.50
CA MET B 134 -5.00 9.86 -10.50
C MET B 134 -3.65 9.79 -11.21
N ARG B 135 -3.67 9.87 -12.54
CA ARG B 135 -2.45 10.11 -13.28
C ARG B 135 -2.67 11.09 -14.45
N GLN C 1 -9.87 -40.53 -1.21
CA GLN C 1 -8.59 -40.15 -0.56
C GLN C 1 -8.62 -38.80 0.16
N ALA C 2 -7.70 -38.65 1.09
CA ALA C 2 -7.55 -37.48 1.90
C ALA C 2 -7.21 -36.24 1.07
N THR C 3 -7.68 -35.10 1.56
CA THR C 3 -7.40 -33.82 0.94
C THR C 3 -5.94 -33.47 1.17
N ASN C 4 -5.42 -32.50 0.42
CA ASN C 4 -4.05 -32.06 0.58
C ASN C 4 -3.80 -31.61 2.03
N LEU C 5 -4.73 -30.84 2.59
CA LEU C 5 -4.60 -30.39 3.97
C LEU C 5 -4.46 -31.58 4.91
N ALA C 6 -5.32 -32.57 4.77
CA ALA C 6 -5.26 -33.76 5.62
C ALA C 6 -3.92 -34.51 5.49
N ALA C 7 -3.46 -34.66 4.25
CA ALA C 7 -2.22 -35.36 3.97
C ALA C 7 -1.03 -34.59 4.48
N ASN C 8 -1.14 -33.28 4.65
CA ASN C 8 -0.02 -32.47 5.07
C ASN C 8 -0.13 -31.96 6.51
N LEU C 9 -1.12 -32.46 7.23
CA LEU C 9 -1.40 -32.02 8.58
C LEU C 9 -0.38 -32.62 9.50
N SER C 10 0.20 -31.77 10.31
CA SER C 10 1.32 -32.18 11.10
C SER C 10 0.93 -32.23 12.60
N ALA C 11 -0.02 -31.39 13.00
CA ALA C 11 -0.65 -31.41 14.34
C ALA C 11 -1.85 -30.46 14.41
N VAL C 12 -2.76 -30.73 15.34
CA VAL C 12 -3.79 -29.77 15.74
C VAL C 12 -3.65 -29.49 17.24
N ARG C 13 -3.49 -28.20 17.55
CA ARG C 13 -3.29 -27.78 18.92
C ARG C 13 -4.02 -26.49 19.17
N GLU C 14 -3.97 -26.02 20.39
CA GLU C 14 -4.50 -24.71 20.69
C GLU C 14 -3.40 -23.81 21.21
N SER C 15 -3.68 -22.52 21.13
CA SER C 15 -2.73 -21.50 21.50
C SER C 15 -3.46 -20.37 22.18
N ALA C 16 -2.96 -20.00 23.36
CA ALA C 16 -3.42 -18.81 24.05
C ALA C 16 -2.70 -17.55 23.56
N THR C 17 -1.60 -17.73 22.84
CA THR C 17 -0.82 -16.63 22.26
C THR C 17 -1.36 -16.18 20.88
N ALA C 18 -1.63 -17.13 19.99
CA ALA C 18 -2.07 -16.83 18.63
C ALA C 18 -3.36 -16.06 18.63
N THR C 19 -3.33 -14.85 18.09
CA THR C 19 -4.43 -13.94 18.25
C THR C 19 -4.46 -12.94 17.07
N LEU C 20 -5.66 -12.50 16.67
CA LEU C 20 -5.85 -11.48 15.63
C LEU C 20 -5.84 -10.04 16.22
N SER C 21 -5.96 -9.02 15.36
CA SER C 21 -5.85 -7.62 15.84
C SER C 21 -6.82 -6.58 15.24
N GLY C 22 -7.33 -5.70 16.10
CA GLY C 22 -8.24 -4.62 15.70
C GLY C 22 -7.54 -3.27 15.56
N GLU C 30 -9.98 8.71 12.48
CA GLU C 30 -9.41 8.51 11.13
C GLU C 30 -8.72 9.81 10.66
N ASP C 31 -7.45 9.76 10.27
CA ASP C 31 -6.73 10.93 9.71
C ASP C 31 -6.50 10.77 8.17
N PHE C 32 -7.43 11.30 7.39
CA PHE C 32 -7.40 11.08 5.94
C PHE C 32 -6.22 11.82 5.28
N PRO C 33 -5.93 13.06 5.71
CA PRO C 33 -4.72 13.68 5.19
C PRO C 33 -3.40 12.87 5.40
N ALA C 34 -3.24 12.27 6.57
CA ALA C 34 -2.08 11.40 6.88
C ALA C 34 -2.05 10.16 5.96
N LEU C 35 -3.21 9.56 5.80
CA LEU C 35 -3.37 8.44 4.91
C LEU C 35 -2.90 8.77 3.48
N ILE C 36 -3.30 9.95 2.99
CA ILE C 36 -2.92 10.40 1.66
C ILE C 36 -1.42 10.63 1.55
N LYS C 37 -0.85 11.25 2.57
CA LYS C 37 0.62 11.43 2.64
C LYS C 37 1.38 10.10 2.68
N GLN C 38 0.89 9.14 3.47
CA GLN C 38 1.49 7.80 3.58
C GLN C 38 1.55 7.15 2.19
N ALA C 39 0.48 7.26 1.42
CA ALA C 39 0.46 6.65 0.11
C ALA C 39 1.49 7.22 -0.86
N SER C 40 1.82 8.51 -0.74
CA SER C 40 2.93 9.09 -1.53
C SER C 40 4.29 8.54 -1.08
N LEU C 41 4.46 8.39 0.22
CA LEU C 41 5.71 7.89 0.73
C LEU C 41 5.92 6.42 0.35
N ASP C 42 4.83 5.65 0.38
CA ASP C 42 4.89 4.23 0.09
C ASP C 42 5.39 3.93 -1.32
N ALA C 43 5.02 4.78 -2.27
CA ALA C 43 5.48 4.59 -3.66
C ALA C 43 6.99 4.65 -3.77
N LEU C 44 7.59 5.55 -3.01
CA LEU C 44 9.05 5.63 -2.89
C LEU C 44 9.63 4.50 -2.03
N PHE C 45 9.09 4.32 -0.84
CA PHE C 45 9.67 3.42 0.15
C PHE C 45 9.63 1.95 -0.31
N LYS C 46 8.72 1.63 -1.24
CA LYS C 46 8.70 0.31 -1.90
C LYS C 46 10.05 -0.01 -2.57
N CYS C 47 10.81 1.00 -2.97
CA CYS C 47 12.10 0.77 -3.63
C CYS C 47 13.21 0.43 -2.65
N GLY C 48 12.98 0.63 -1.37
CA GLY C 48 13.97 0.28 -0.35
C GLY C 48 14.08 -1.20 -0.02
N LYS C 49 15.09 -1.53 0.77
CA LYS C 49 15.27 -2.91 1.24
C LYS C 49 14.09 -3.31 2.14
N ASP C 50 13.62 -2.37 2.96
CA ASP C 50 12.57 -2.57 3.92
C ASP C 50 11.74 -1.30 4.09
N ALA C 51 10.59 -1.26 3.42
CA ALA C 51 9.69 -0.10 3.48
C ALA C 51 9.23 0.27 4.90
N GLU C 52 8.97 -0.74 5.73
CA GLU C 52 8.55 -0.49 7.12
C GLU C 52 9.63 0.22 7.91
N ALA C 53 10.88 -0.21 7.71
CA ALA C 53 12.01 0.43 8.39
C ALA C 53 12.19 1.88 7.92
N LEU C 54 11.88 2.16 6.66
CA LEU C 54 11.93 3.53 6.14
C LEU C 54 10.87 4.41 6.82
N LYS C 55 9.65 3.88 6.91
CA LYS C 55 8.54 4.56 7.54
C LYS C 55 8.83 4.90 9.00
N GLU C 56 9.52 4.00 9.71
CA GLU C 56 9.88 4.26 11.11
C GLU C 56 10.93 5.39 11.23
N VAL C 57 11.95 5.37 10.38
CA VAL C 57 12.95 6.46 10.33
C VAL C 57 12.27 7.82 10.06
N PHE C 58 11.39 7.85 9.08
CA PHE C 58 10.72 9.06 8.68
C PHE C 58 9.84 9.59 9.80
N THR C 59 8.99 8.71 10.30
CA THR C 59 8.02 9.04 11.35
C THR C 59 8.68 9.52 12.65
N ASN C 60 9.84 8.97 12.99
CA ASN C 60 10.54 9.36 14.19
C ASN C 60 11.44 10.57 14.03
N SER C 61 11.63 11.05 12.80
CA SER C 61 12.44 12.22 12.57
C SER C 61 11.76 13.49 13.06
N ASN C 62 12.57 14.42 13.54
CA ASN C 62 12.12 15.77 13.79
C ASN C 62 12.76 16.76 12.86
N ASN C 63 13.40 16.30 11.80
CA ASN C 63 14.09 17.19 10.87
C ASN C 63 13.09 17.62 9.82
N VAL C 64 12.56 18.82 9.98
CA VAL C 64 11.51 19.33 9.12
C VAL C 64 12.00 19.38 7.68
N ALA C 65 13.15 19.98 7.45
CA ALA C 65 13.67 20.11 6.09
C ALA C 65 14.00 18.73 5.45
N GLY C 66 14.57 17.82 6.22
CA GLY C 66 14.87 16.46 5.74
C GLY C 66 13.61 15.72 5.32
N LYS C 67 12.58 15.77 6.16
CA LYS C 67 11.30 15.14 5.81
C LYS C 67 10.67 15.79 4.59
N LYS C 68 10.80 17.11 4.50
CA LYS C 68 10.27 17.81 3.36
C LYS C 68 11.00 17.40 2.07
N ALA C 69 12.31 17.24 2.12
CA ALA C 69 13.09 16.74 0.99
C ALA C 69 12.64 15.35 0.50
N ILE C 70 12.35 14.45 1.42
CA ILE C 70 11.91 13.11 1.11
C ILE C 70 10.49 13.11 0.51
N MET C 71 9.59 13.86 1.12
CA MET C 71 8.25 13.99 0.60
C MET C 71 8.25 14.56 -0.84
N GLU C 72 9.08 15.57 -1.07
CA GLU C 72 9.21 16.11 -2.40
C GLU C 72 9.68 15.07 -3.42
N PHE C 73 10.76 14.37 -3.08
CA PHE C 73 11.27 13.26 -3.88
C PHE C 73 10.19 12.22 -4.17
N ALA C 74 9.41 11.85 -3.15
CA ALA C 74 8.36 10.82 -3.31
C ALA C 74 7.31 11.27 -4.32
N GLY C 75 6.94 12.56 -4.26
CA GLY C 75 6.02 13.14 -5.22
C GLY C 75 6.57 13.13 -6.64
N LEU C 76 7.82 13.56 -6.79
CA LEU C 76 8.49 13.51 -8.07
C LEU C 76 8.64 12.05 -8.55
N PHE C 77 8.83 11.10 -7.64
CA PHE C 77 9.00 9.69 -8.00
C PHE C 77 7.72 9.19 -8.65
N ARG C 78 6.59 9.59 -8.08
CA ARG C 78 5.29 9.19 -8.60
C ARG C 78 5.08 9.69 -10.02
N SER C 79 5.49 10.94 -10.29
CA SER C 79 5.46 11.48 -11.65
C SER C 79 6.35 10.73 -12.63
N ALA C 80 7.55 10.37 -12.17
CA ALA C 80 8.49 9.65 -12.99
C ALA C 80 7.95 8.25 -13.32
N LEU C 81 7.31 7.60 -12.35
CA LEU C 81 6.71 6.27 -12.59
C LEU C 81 5.61 6.39 -13.63
N ASN C 82 4.84 7.51 -13.58
CA ASN C 82 3.86 7.77 -14.64
C ASN C 82 4.47 7.75 -16.03
N ALA C 83 5.68 8.28 -16.15
CA ALA C 83 6.28 8.54 -17.47
C ALA C 83 7.27 7.46 -17.96
N THR C 84 7.75 6.63 -17.05
CA THR C 84 8.78 5.65 -17.37
C THR C 84 8.30 4.20 -17.42
N SER C 85 7.00 3.98 -17.23
CA SER C 85 6.45 2.62 -17.04
C SER C 85 6.35 1.81 -18.34
N ASP C 86 6.61 2.43 -19.47
CA ASP C 86 6.53 1.72 -20.75
C ASP C 86 7.89 1.44 -21.35
N SER C 87 8.96 1.77 -20.65
CA SER C 87 10.32 1.51 -21.18
C SER C 87 11.14 0.77 -20.14
N PRO C 88 11.70 -0.40 -20.52
CA PRO C 88 12.47 -1.14 -19.49
C PRO C 88 13.70 -0.41 -18.99
N GLU C 89 14.33 0.36 -19.84
CA GLU C 89 15.55 1.08 -19.46
C GLU C 89 15.22 2.21 -18.47
N ALA C 90 14.18 2.97 -18.79
CA ALA C 90 13.73 4.05 -17.93
C ALA C 90 13.21 3.53 -16.58
N LYS C 91 12.43 2.45 -16.56
CA LYS C 91 11.88 1.96 -15.29
C LYS C 91 13.03 1.43 -14.45
N THR C 92 14.00 0.79 -15.10
CA THR C 92 15.19 0.31 -14.40
C THR C 92 15.96 1.47 -13.77
N LEU C 93 16.18 2.54 -14.52
CA LEU C 93 16.80 3.78 -14.00
C LEU C 93 16.05 4.32 -12.76
N LEU C 94 14.74 4.42 -12.88
CA LEU C 94 13.89 4.90 -11.80
C LEU C 94 14.02 4.04 -10.53
N MET C 95 14.02 2.73 -10.72
CA MET C 95 14.07 1.82 -9.58
C MET C 95 15.43 1.94 -8.89
N LYS C 96 16.48 2.10 -9.67
CA LYS C 96 17.82 2.27 -9.15
C LYS C 96 17.95 3.58 -8.38
N VAL C 97 17.45 4.69 -8.91
CA VAL C 97 17.56 5.97 -8.15
C VAL C 97 16.74 5.85 -6.84
N GLY C 98 15.55 5.26 -6.92
CA GLY C 98 14.74 4.94 -5.74
C GLY C 98 15.48 4.15 -4.69
N ALA C 99 16.17 3.11 -5.12
CA ALA C 99 16.92 2.27 -4.21
C ALA C 99 18.05 3.02 -3.57
N GLU C 100 18.72 3.83 -4.37
CA GLU C 100 19.85 4.58 -3.85
C GLU C 100 19.40 5.63 -2.84
N TYR C 101 18.36 6.39 -3.20
CA TYR C 101 17.82 7.44 -2.31
C TYR C 101 17.39 6.84 -0.97
N THR C 102 16.59 5.78 -1.05
CA THR C 102 16.10 5.13 0.18
C THR C 102 17.21 4.53 1.04
N ALA C 103 18.21 3.92 0.40
CA ALA C 103 19.37 3.42 1.14
C ALA C 103 20.10 4.52 1.88
N GLN C 104 20.15 5.70 1.29
CA GLN C 104 20.82 6.84 1.94
C GLN C 104 19.97 7.36 3.12
N ILE C 105 18.64 7.27 3.00
CA ILE C 105 17.76 7.59 4.12
C ILE C 105 18.10 6.72 5.34
N ILE C 106 18.20 5.41 5.13
CA ILE C 106 18.55 4.47 6.20
C ILE C 106 19.95 4.72 6.77
N LYS C 107 20.91 4.96 5.90
CA LYS C 107 22.26 5.23 6.34
C LYS C 107 22.35 6.54 7.12
N ASP C 108 21.61 7.54 6.66
CA ASP C 108 21.61 8.87 7.29
C ASP C 108 20.88 8.89 8.63
N GLY C 109 19.63 8.44 8.68
CA GLY C 109 18.87 8.37 9.94
C GLY C 109 18.00 9.59 10.25
N LEU C 110 18.15 10.65 9.46
CA LEU C 110 17.30 11.86 9.56
C LEU C 110 17.32 12.53 10.94
N LYS C 111 18.54 12.62 11.49
CA LYS C 111 18.78 13.36 12.73
C LYS C 111 18.90 14.85 12.37
N GLU C 112 19.34 15.66 13.33
CA GLU C 112 19.43 17.11 13.18
C GLU C 112 20.40 17.50 12.07
N LYS C 113 21.54 16.82 12.04
CA LYS C 113 22.51 16.91 10.98
C LYS C 113 22.26 15.76 10.02
N SER C 114 21.79 16.10 8.81
CA SER C 114 21.34 15.14 7.80
C SER C 114 21.74 15.61 6.40
N ALA C 115 21.99 14.63 5.53
CA ALA C 115 22.20 14.84 4.12
C ALA C 115 20.92 15.31 3.41
N PHE C 116 19.79 15.16 4.07
CA PHE C 116 18.50 15.55 3.53
C PHE C 116 18.07 16.87 4.15
N GLY C 117 17.73 17.82 3.29
CA GLY C 117 17.30 19.14 3.75
C GLY C 117 18.16 20.30 3.28
N PRO C 118 19.51 20.18 3.36
CA PRO C 118 20.34 21.33 3.02
C PRO C 118 20.30 21.89 1.59
N TRP C 119 19.81 21.10 0.64
CA TRP C 119 19.94 21.42 -0.77
C TRP C 119 18.61 21.79 -1.41
N LEU C 120 17.60 22.04 -0.57
CA LEU C 120 16.29 22.54 -1.00
C LEU C 120 16.37 24.04 -1.25
N PRO C 121 15.56 24.55 -2.21
CA PRO C 121 15.46 25.96 -2.42
C PRO C 121 14.66 26.60 -1.29
N GLU C 122 15.22 27.65 -0.70
CA GLU C 122 14.61 28.21 0.51
C GLU C 122 13.90 29.53 0.23
N THR C 123 14.02 30.02 -1.02
CA THR C 123 13.30 31.21 -1.48
C THR C 123 12.64 30.88 -2.82
N LYS C 124 11.66 31.69 -3.19
CA LYS C 124 10.98 31.55 -4.48
C LYS C 124 11.97 31.67 -5.63
N LYS C 125 12.92 32.56 -5.48
CA LYS C 125 13.96 32.75 -6.47
C LYS C 125 14.77 31.47 -6.70
N ALA C 126 15.14 30.81 -5.61
CA ALA C 126 15.95 29.62 -5.67
C ALA C 126 15.15 28.48 -6.31
N GLU C 127 13.84 28.45 -6.02
CA GLU C 127 12.97 27.46 -6.62
C GLU C 127 12.92 27.63 -8.11
N ALA C 128 12.75 28.86 -8.57
CA ALA C 128 12.78 29.15 -10.01
C ALA C 128 14.14 28.82 -10.64
N LYS C 129 15.23 29.14 -9.95
CA LYS C 129 16.56 28.75 -10.45
C LYS C 129 16.67 27.24 -10.64
N LEU C 130 16.13 26.46 -9.70
CA LEU C 130 16.25 25.00 -9.80
C LEU C 130 15.41 24.45 -10.97
N GLU C 131 14.16 24.86 -11.07
CA GLU C 131 13.31 24.53 -12.22
C GLU C 131 13.94 24.92 -13.53
N ASN C 132 14.50 26.13 -13.59
CA ASN C 132 15.10 26.59 -14.82
C ASN C 132 16.34 25.80 -15.20
N LEU C 133 17.18 25.46 -14.23
CA LEU C 133 18.36 24.68 -14.54
C LEU C 133 17.98 23.27 -14.97
N GLU C 134 16.94 22.69 -14.35
CA GLU C 134 16.46 21.38 -14.75
C GLU C 134 16.01 21.40 -16.23
N LYS C 135 15.37 22.48 -16.65
CA LYS C 135 14.92 22.61 -18.01
C LYS C 135 16.13 22.75 -18.97
N GLN C 136 17.15 23.49 -18.56
CA GLN C 136 18.40 23.63 -19.32
C GLN C 136 19.13 22.31 -19.50
N LEU C 137 19.17 21.52 -18.43
CA LEU C 137 19.79 20.18 -18.50
C LEU C 137 19.14 19.31 -19.57
N LEU C 138 17.81 19.39 -19.64
CA LEU C 138 17.09 18.64 -20.63
C LEU C 138 17.50 19.13 -22.03
N ASP C 139 17.56 20.44 -22.25
CA ASP C 139 18.01 21.00 -23.55
C ASP C 139 19.43 20.59 -23.91
N ILE C 140 20.34 20.67 -22.93
CA ILE C 140 21.72 20.27 -23.16
C ILE C 140 21.79 18.82 -23.59
N ILE C 141 21.10 17.94 -22.87
CA ILE C 141 21.23 16.51 -23.17
C ILE C 141 20.60 16.18 -24.51
N LYS C 142 19.45 16.77 -24.80
CA LYS C 142 18.83 16.47 -26.08
C LYS C 142 19.60 17.11 -27.25
N ASN C 143 20.39 18.14 -27.00
CA ASN C 143 21.29 18.64 -28.03
C ASN C 143 22.57 17.84 -28.21
N ASN C 144 22.85 16.90 -27.31
CA ASN C 144 24.10 16.16 -27.38
C ASN C 144 24.06 15.13 -28.51
N GLU C 148 27.60 9.33 -25.35
CA GLU C 148 28.02 9.94 -24.07
C GLU C 148 28.12 11.45 -24.21
N LEU C 149 28.12 12.15 -23.10
CA LEU C 149 28.15 13.59 -23.17
C LEU C 149 29.51 14.08 -23.62
N SER C 150 29.49 15.06 -24.54
CA SER C 150 30.67 15.68 -25.10
C SER C 150 31.28 16.59 -24.05
N LYS C 151 32.46 17.14 -24.32
CA LYS C 151 33.11 18.09 -23.40
C LYS C 151 32.28 19.38 -23.27
N LEU C 152 31.73 19.84 -24.38
CA LEU C 152 30.77 20.95 -24.44
C LEU C 152 29.58 20.76 -23.48
N SER C 153 28.86 19.65 -23.66
CA SER C 153 27.69 19.34 -22.86
C SER C 153 28.03 19.18 -21.37
N THR C 154 29.15 18.54 -21.10
CA THR C 154 29.69 18.36 -19.78
C THR C 154 29.89 19.70 -19.10
N ASN C 155 30.55 20.62 -19.81
CA ASN C 155 30.77 21.94 -19.27
C ASN C 155 29.46 22.70 -19.04
N LEU C 156 28.51 22.56 -19.95
CA LEU C 156 27.23 23.25 -19.83
C LEU C 156 26.46 22.74 -18.63
N VAL C 157 26.43 21.43 -18.42
CA VAL C 157 25.89 20.85 -17.19
C VAL C 157 26.58 21.45 -15.94
N MET C 158 27.91 21.46 -15.92
CA MET C 158 28.67 22.03 -14.80
C MET C 158 28.22 23.48 -14.52
N GLN C 159 28.12 24.29 -15.58
CA GLN C 159 27.71 25.67 -15.47
C GLN C 159 26.27 25.82 -14.98
N GLU C 160 25.43 24.81 -15.16
CA GLU C 160 24.06 24.89 -14.65
C GLU C 160 23.98 24.50 -13.16
N VAL C 161 24.74 23.48 -12.79
CA VAL C 161 24.58 22.84 -11.51
C VAL C 161 25.36 23.58 -10.43
N MET C 162 26.60 23.99 -10.74
CA MET C 162 27.46 24.57 -9.74
C MET C 162 26.86 25.80 -9.04
N PRO C 163 26.27 26.75 -9.80
CA PRO C 163 25.65 27.92 -9.16
C PRO C 163 24.51 27.60 -8.20
N TYR C 164 23.77 26.54 -8.49
CA TYR C 164 22.68 26.12 -7.61
C TYR C 164 23.26 25.60 -6.28
N ILE C 165 24.26 24.72 -6.36
CA ILE C 165 24.90 24.15 -5.16
C ILE C 165 25.51 25.29 -4.32
N ALA C 166 26.22 26.19 -4.98
CA ALA C 166 26.84 27.34 -4.31
C ALA C 166 25.79 28.26 -3.67
N SER C 167 24.65 28.43 -4.32
CA SER C 167 23.57 29.20 -3.73
C SER C 167 23.06 28.64 -2.43
N CYS C 168 22.90 27.33 -2.38
CA CYS C 168 22.43 26.65 -1.17
C CYS C 168 23.40 26.89 -0.02
N ILE C 169 24.70 26.76 -0.30
CA ILE C 169 25.74 26.96 0.72
C ILE C 169 25.71 28.40 1.21
N GLU C 170 25.54 29.31 0.26
CA GLU C 170 25.51 30.73 0.62
C GLU C 170 24.28 31.15 1.44
N HIS C 171 23.11 30.58 1.11
CA HIS C 171 21.88 31.12 1.59
C HIS C 171 21.15 30.28 2.61
N ASN C 172 21.41 28.98 2.66
CA ASN C 172 20.46 28.08 3.34
C ASN C 172 20.63 27.94 4.84
N PHE C 173 19.51 27.90 5.55
CA PHE C 173 19.50 27.59 6.99
C PHE C 173 19.16 26.13 7.27
N GLY C 174 18.68 25.42 6.27
CA GLY C 174 18.44 24.00 6.43
C GLY C 174 19.75 23.24 6.56
N CYS C 175 20.80 23.82 6.00
CA CYS C 175 22.18 23.42 6.28
C CYS C 175 22.55 24.02 7.63
N THR C 176 23.16 23.21 8.48
CA THR C 176 23.42 23.56 9.87
C THR C 176 24.86 24.02 10.08
N LEU C 177 25.66 24.08 9.02
CA LEU C 177 27.06 24.49 9.13
C LEU C 177 27.24 25.98 9.36
N ASP C 178 28.20 26.35 10.22
CA ASP C 178 28.58 27.74 10.43
C ASP C 178 28.98 28.36 9.10
N PRO C 179 28.53 29.61 8.85
CA PRO C 179 28.97 30.38 7.69
C PRO C 179 30.49 30.37 7.40
N LEU C 180 31.32 30.76 8.35
CA LEU C 180 32.75 30.74 8.11
C LEU C 180 33.26 29.38 7.63
N THR C 181 32.75 28.30 8.20
CA THR C 181 33.18 26.97 7.82
C THR C 181 32.75 26.59 6.40
N ARG C 182 31.66 27.21 5.92
CA ARG C 182 31.15 26.97 4.57
C ARG C 182 32.08 27.52 3.51
N SER C 183 32.86 28.54 3.87
CA SER C 183 33.85 29.07 2.95
C SER C 183 34.98 28.09 2.62
N ASN C 184 35.07 26.98 3.33
CA ASN C 184 36.03 25.92 3.00
C ASN C 184 35.55 24.88 1.98
N LEU C 185 34.38 25.05 1.39
CA LEU C 185 33.74 23.99 0.61
C LEU C 185 33.77 24.11 -0.93
N THR C 186 34.75 24.78 -1.51
CA THR C 186 34.83 24.90 -2.99
C THR C 186 34.94 23.56 -3.71
N HIS C 187 35.65 22.60 -3.09
CA HIS C 187 35.74 21.25 -3.68
C HIS C 187 34.41 20.53 -3.61
N LEU C 188 33.60 20.85 -2.61
CA LEU C 188 32.29 20.23 -2.50
C LEU C 188 31.45 20.49 -3.76
N VAL C 189 31.44 21.75 -4.19
CA VAL C 189 30.69 22.19 -5.34
C VAL C 189 31.19 21.54 -6.65
N ASP C 190 32.51 21.57 -6.87
CA ASP C 190 33.14 20.88 -7.99
C ASP C 190 32.77 19.41 -8.05
N LYS C 191 32.95 18.72 -6.93
CA LYS C 191 32.72 17.29 -6.87
C LYS C 191 31.26 16.90 -7.03
N ALA C 192 30.36 17.65 -6.42
CA ALA C 192 28.93 17.39 -6.53
C ALA C 192 28.46 17.62 -7.96
N ALA C 193 28.93 18.70 -8.56
CA ALA C 193 28.55 18.99 -9.93
C ALA C 193 29.09 17.92 -10.88
N ALA C 194 30.30 17.42 -10.63
CA ALA C 194 30.84 16.29 -11.44
C ALA C 194 30.00 15.02 -11.30
N LYS C 195 29.56 14.72 -10.08
CA LYS C 195 28.67 13.58 -9.85
C LYS C 195 27.36 13.76 -10.63
N ALA C 196 26.88 15.00 -10.70
CA ALA C 196 25.67 15.24 -11.45
C ALA C 196 25.89 14.95 -12.93
N VAL C 197 27.03 15.39 -13.48
CA VAL C 197 27.39 15.10 -14.86
C VAL C 197 27.38 13.59 -15.06
N GLU C 198 28.06 12.87 -14.19
CA GLU C 198 28.10 11.41 -14.32
C GLU C 198 26.70 10.76 -14.28
N ALA C 199 25.85 11.20 -13.36
CA ALA C 199 24.51 10.61 -13.31
C ALA C 199 23.76 10.87 -14.61
N LEU C 200 23.83 12.11 -15.10
CA LEU C 200 23.10 12.50 -16.31
C LEU C 200 23.63 11.81 -17.54
N ASP C 201 24.95 11.66 -17.58
CA ASP C 201 25.64 11.03 -18.67
C ASP C 201 25.25 9.54 -18.76
N MET C 202 25.34 8.81 -17.64
CA MET C 202 24.85 7.41 -17.59
C MET C 202 23.36 7.23 -17.93
N CYS C 203 22.50 8.10 -17.44
CA CYS C 203 21.09 8.02 -17.77
C CYS C 203 20.85 8.21 -19.27
N HIS C 204 21.51 9.21 -19.83
CA HIS C 204 21.41 9.45 -21.25
C HIS C 204 21.88 8.25 -22.06
N GLN C 205 22.96 7.62 -21.64
CA GLN C 205 23.40 6.43 -22.32
C GLN C 205 22.34 5.31 -22.27
N LYS C 206 21.86 4.98 -21.08
CA LYS C 206 20.88 3.89 -20.93
C LYS C 206 19.61 4.14 -21.75
N LEU C 207 19.13 5.37 -21.77
CA LEU C 207 18.01 5.69 -22.61
C LEU C 207 18.46 5.78 -24.07
N GLU C 218 10.13 11.78 -28.41
CA GLU C 218 9.13 12.50 -27.63
C GLU C 218 8.91 11.78 -26.31
N ALA C 219 8.64 10.47 -26.40
CA ALA C 219 8.51 9.65 -25.21
C ALA C 219 9.79 9.67 -24.36
N ARG C 220 10.94 9.55 -25.01
CA ARG C 220 12.23 9.60 -24.34
C ARG C 220 12.45 10.94 -23.63
N HIS C 221 12.17 12.03 -24.33
CA HIS C 221 12.27 13.34 -23.76
C HIS C 221 11.41 13.49 -22.50
N LEU C 222 10.18 12.98 -22.53
CA LEU C 222 9.34 13.02 -21.32
C LEU C 222 9.94 12.15 -20.20
N GLU C 223 10.52 11.00 -20.54
CA GLU C 223 11.24 10.19 -19.57
C GLU C 223 12.37 10.96 -18.88
N MET C 224 13.24 11.59 -19.67
CA MET C 224 14.35 12.41 -19.15
C MET C 224 13.88 13.55 -18.27
N GLN C 225 12.86 14.27 -18.74
CA GLN C 225 12.26 15.35 -17.99
C GLN C 225 11.82 14.96 -16.55
N THR C 226 11.24 13.76 -16.40
CA THR C 226 10.83 13.33 -15.06
C THR C 226 12.00 12.74 -14.27
N LEU C 227 12.99 12.22 -14.97
CA LEU C 227 14.12 11.62 -14.28
C LEU C 227 15.11 12.65 -13.74
N ILE C 228 15.31 13.75 -14.47
CA ILE C 228 16.33 14.75 -14.11
C ILE C 228 16.20 15.22 -12.63
N PRO C 229 14.98 15.64 -12.21
CA PRO C 229 14.82 16.09 -10.81
C PRO C 229 15.24 15.05 -9.77
N LEU C 230 14.96 13.78 -10.04
CA LEU C 230 15.34 12.71 -9.10
C LEU C 230 16.85 12.45 -9.07
N LEU C 231 17.45 12.44 -10.25
CA LEU C 231 18.87 12.21 -10.35
C LEU C 231 19.64 13.29 -9.61
N LEU C 232 19.22 14.53 -9.81
CA LEU C 232 19.80 15.66 -9.11
C LEU C 232 19.63 15.59 -7.62
N ARG C 233 18.41 15.39 -7.17
CA ARG C 233 18.18 15.27 -5.71
C ARG C 233 18.92 14.11 -5.04
N ASN C 234 19.13 13.03 -5.79
CA ASN C 234 19.88 11.89 -5.28
C ASN C 234 21.36 12.25 -5.19
N VAL C 235 21.89 12.95 -6.18
CA VAL C 235 23.25 13.50 -6.06
C VAL C 235 23.37 14.39 -4.82
N PHE C 236 22.40 15.27 -4.57
CA PHE C 236 22.50 16.19 -3.45
C PHE C 236 22.60 15.39 -2.15
N ALA C 237 21.79 14.34 -2.06
CA ALA C 237 21.70 13.49 -0.88
C ALA C 237 22.97 12.72 -0.63
N GLN C 238 23.76 12.48 -1.67
CA GLN C 238 25.05 11.78 -1.54
C GLN C 238 26.23 12.73 -1.27
N ILE C 239 26.02 14.03 -1.25
CA ILE C 239 27.05 14.98 -0.87
C ILE C 239 27.45 14.73 0.61
N PRO C 240 28.74 14.45 0.85
CA PRO C 240 29.25 14.28 2.23
C PRO C 240 29.36 15.62 2.93
#